data_8PWN
#
_entry.id   8PWN
#
_cell.length_a   39.310
_cell.length_b   179.640
_cell.length_c   139.540
_cell.angle_alpha   90.00
_cell.angle_beta   90.00
_cell.angle_gamma   90.00
#
_symmetry.space_group_name_H-M   'C 2 2 21'
#
loop_
_entity.id
_entity.type
_entity.pdbx_description
1 polymer 'Adenosine receptor A2a,Soluble cytochrome b562'
2 non-polymer THEOPHYLLINE
3 non-polymer 'OLEIC ACID'
4 non-polymer CHOLESTEROL
5 water water
#
_entity_poly.entity_id   1
_entity_poly.type   'polypeptide(L)'
_entity_poly.pdbx_seq_one_letter_code
;DYKDDDDGAPPIMGSSVYITVELAIAVLAILGNVLVCWAVWLNSNLQNVTNYFVVSLAAADILVGVLAIPFAITISTGFC
AACHGCLFIACFVLVLAQSSIFSLLAIAIDRYIAIAIPLRYNGLVTGTRAAGIIAICWVLSFAIGLTPMLGWNNCGQPKE
GKAHSQGCGEGQVACLFEDVVPMNYMVYFNFFACVLVPLLLMLGVYLRIFAAARRQLADLEDNWETLNDNLKVIEKADNA
AQVKDALTKMRAAALDAQKATPPKLEDKSPDSPEMKDFRHGFDILVGQIDDALKLANEGKVKEAQAAAEQLKTTRNAYIQ
KYLERARSTLQKEVHAAKSAAIIAGLFALCWLPLHIINCFTFFCPDCSHAPLWLMYLAIVLAHTNSVVNPFIYAYRIREF
RQTFRKIIRSHVLRQQEPFKAAAHHHHHHHHHH
;
_entity_poly.pdbx_strand_id   A
#
loop_
_chem_comp.id
_chem_comp.type
_chem_comp.name
_chem_comp.formula
CLR non-polymer CHOLESTEROL 'C27 H46 O'
OLA non-polymer 'OLEIC ACID' 'C18 H34 O2'
TEP non-polymer THEOPHYLLINE 'C7 H8 N4 O2'
#
# COMPACT_ATOMS: atom_id res chain seq x y z
N ALA A 9 -2.82 41.90 -13.10
CA ALA A 9 -3.96 41.20 -13.74
C ALA A 9 -5.09 41.06 -12.74
N PRO A 10 -6.36 41.27 -13.15
CA PRO A 10 -7.50 41.00 -12.28
C PRO A 10 -7.39 39.58 -11.72
N PRO A 11 -7.67 39.36 -10.42
CA PRO A 11 -7.49 38.03 -9.85
C PRO A 11 -8.36 36.96 -10.51
N ILE A 12 -9.52 37.35 -11.01
CA ILE A 12 -10.49 36.41 -11.59
C ILE A 12 -9.94 35.63 -12.77
N MET A 13 -8.88 36.10 -13.40
CA MET A 13 -8.30 35.38 -14.55
C MET A 13 -7.42 34.22 -14.10
N GLY A 14 -6.46 34.49 -13.24
CA GLY A 14 -5.63 33.41 -12.69
C GLY A 14 -6.48 32.38 -11.95
N SER A 15 -7.51 32.84 -11.25
CA SER A 15 -8.42 31.97 -10.47
C SER A 15 -9.28 31.14 -11.45
N SER A 16 -9.56 31.66 -12.63
CA SER A 16 -10.33 30.89 -13.63
C SER A 16 -9.51 29.69 -14.10
N VAL A 17 -8.22 29.86 -14.24
CA VAL A 17 -7.33 28.72 -14.60
C VAL A 17 -7.33 27.71 -13.46
N TYR A 18 -7.11 28.18 -12.25
CA TYR A 18 -7.06 27.29 -11.07
C TYR A 18 -8.35 26.48 -10.97
N ILE A 19 -9.48 27.14 -11.00
CA ILE A 19 -10.81 26.48 -10.84
C ILE A 19 -11.01 25.46 -11.96
N THR A 20 -10.69 25.84 -13.19
CA THR A 20 -10.89 24.92 -14.33
C THR A 20 -10.07 23.65 -14.15
N VAL A 21 -8.83 23.77 -13.71
CA VAL A 21 -7.98 22.59 -13.48
C VAL A 21 -8.55 21.76 -12.33
N GLU A 22 -8.95 22.40 -11.26
CA GLU A 22 -9.55 21.70 -10.10
C GLU A 22 -10.76 20.88 -10.55
N LEU A 23 -11.64 21.46 -11.34
CA LEU A 23 -12.85 20.74 -11.81
C LEU A 23 -12.45 19.58 -12.72
N ALA A 24 -11.49 19.82 -13.62
CA ALA A 24 -10.97 18.72 -14.46
C ALA A 24 -10.47 17.57 -13.59
N ILE A 25 -9.72 17.89 -12.56
CA ILE A 25 -9.20 16.84 -11.65
C ILE A 25 -10.36 16.14 -10.94
N ALA A 26 -11.33 16.90 -10.47
CA ALA A 26 -12.48 16.33 -9.76
C ALA A 26 -13.19 15.29 -10.62
N VAL A 27 -13.40 15.60 -11.89
CA VAL A 27 -14.10 14.68 -12.82
C VAL A 27 -13.31 13.39 -12.95
N LEU A 28 -12.00 13.50 -13.16
CA LEU A 28 -11.15 12.30 -13.34
C LEU A 28 -11.11 11.51 -12.05
N ALA A 29 -11.01 12.19 -10.91
CA ALA A 29 -10.97 11.49 -9.60
C ALA A 29 -12.24 10.67 -9.40
N ILE A 30 -13.39 11.26 -9.70
CA ILE A 30 -14.68 10.56 -9.49
C ILE A 30 -14.78 9.36 -10.41
N LEU A 31 -14.55 9.56 -11.70
CA LEU A 31 -14.79 8.49 -12.71
C LEU A 31 -13.86 7.32 -12.45
N GLY A 32 -12.56 7.60 -12.30
CA GLY A 32 -11.58 6.52 -12.13
C GLY A 32 -11.85 5.70 -10.90
N ASN A 33 -12.20 6.36 -9.81
CA ASN A 33 -12.34 5.66 -8.52
C ASN A 33 -13.70 5.00 -8.40
N VAL A 34 -14.71 5.54 -9.06
CA VAL A 34 -16.00 4.81 -9.19
C VAL A 34 -15.73 3.48 -9.90
N LEU A 35 -14.89 3.50 -10.92
CA LEU A 35 -14.57 2.26 -11.66
C LEU A 35 -13.90 1.25 -10.74
N VAL A 36 -13.06 1.71 -9.84
CA VAL A 36 -12.37 0.78 -8.89
C VAL A 36 -13.42 0.10 -8.02
N CYS A 37 -14.34 0.88 -7.46
CA CYS A 37 -15.38 0.33 -6.56
C CYS A 37 -16.28 -0.61 -7.35
N TRP A 38 -16.70 -0.17 -8.54
CA TRP A 38 -17.52 -1.02 -9.43
C TRP A 38 -16.80 -2.34 -9.68
N ALA A 39 -15.50 -2.29 -9.93
CA ALA A 39 -14.74 -3.51 -10.28
C ALA A 39 -14.75 -4.49 -9.12
N VAL A 40 -14.49 -4.00 -7.91
CA VAL A 40 -14.43 -4.88 -6.73
C VAL A 40 -15.82 -5.44 -6.44
N TRP A 41 -16.86 -4.65 -6.67
CA TRP A 41 -18.24 -5.11 -6.41
C TRP A 41 -18.60 -6.30 -7.30
N LEU A 42 -18.23 -6.25 -8.57
CA LEU A 42 -18.72 -7.25 -9.54
C LEU A 42 -17.85 -8.50 -9.51
N ASN A 43 -16.54 -8.34 -9.38
CA ASN A 43 -15.59 -9.45 -9.59
C ASN A 43 -15.24 -10.06 -8.25
N SER A 44 -15.64 -11.31 -8.04
CA SER A 44 -15.38 -12.00 -6.77
C SER A 44 -13.88 -12.24 -6.55
N ASN A 45 -13.10 -12.30 -7.63
CA ASN A 45 -11.64 -12.50 -7.51
C ASN A 45 -10.95 -11.26 -6.98
N LEU A 46 -11.62 -10.11 -7.00
CA LEU A 46 -11.06 -8.88 -6.44
C LEU A 46 -11.55 -8.66 -5.00
N GLN A 47 -12.44 -9.50 -4.51
CA GLN A 47 -13.04 -9.33 -3.16
C GLN A 47 -12.18 -10.07 -2.15
N ASN A 48 -11.14 -9.39 -1.70
CA ASN A 48 -10.26 -9.85 -0.61
C ASN A 48 -10.05 -8.71 0.37
N VAL A 49 -9.44 -8.99 1.50
CA VAL A 49 -9.24 -7.97 2.54
C VAL A 49 -8.38 -6.83 1.98
N THR A 50 -7.36 -7.17 1.23
CA THR A 50 -6.46 -6.15 0.63
C THR A 50 -7.29 -5.11 -0.12
N ASN A 51 -8.20 -5.57 -0.95
CA ASN A 51 -8.96 -4.67 -1.84
C ASN A 51 -10.07 -3.93 -1.11
N TYR A 52 -10.43 -4.34 0.10
CA TYR A 52 -11.39 -3.54 0.89
C TYR A 52 -10.74 -2.23 1.33
N PHE A 53 -9.44 -2.25 1.58
CA PHE A 53 -8.70 -1.00 1.87
C PHE A 53 -8.54 -0.18 0.60
N VAL A 54 -8.35 -0.85 -0.53
CA VAL A 54 -8.32 -0.17 -1.84
C VAL A 54 -9.61 0.59 -2.07
N VAL A 55 -10.73 -0.05 -1.72
CA VAL A 55 -12.07 0.58 -1.91
C VAL A 55 -12.20 1.76 -0.96
N SER A 56 -11.79 1.58 0.28
CA SER A 56 -11.82 2.70 1.26
C SER A 56 -10.98 3.86 0.73
N LEU A 57 -9.83 3.55 0.15
CA LEU A 57 -8.97 4.56 -0.48
C LEU A 57 -9.69 5.22 -1.67
N ALA A 58 -10.35 4.41 -2.49
CA ALA A 58 -11.08 4.96 -3.64
C ALA A 58 -12.22 5.86 -3.16
N ALA A 59 -12.88 5.48 -2.07
CA ALA A 59 -13.98 6.29 -1.52
C ALA A 59 -13.46 7.65 -1.08
N ALA A 60 -12.31 7.68 -0.43
CA ALA A 60 -11.70 8.97 -0.03
C ALA A 60 -11.44 9.81 -1.26
N ASP A 61 -10.98 9.20 -2.34
CA ASP A 61 -10.61 9.95 -3.56
C ASP A 61 -11.86 10.43 -4.28
N ILE A 62 -12.92 9.65 -4.30
CA ILE A 62 -14.23 10.14 -4.77
C ILE A 62 -14.62 11.37 -3.95
N LEU A 63 -14.46 11.29 -2.64
CA LEU A 63 -14.89 12.41 -1.77
C LEU A 63 -14.06 13.66 -2.05
N VAL A 64 -12.83 13.49 -2.51
CA VAL A 64 -12.00 14.65 -2.89
C VAL A 64 -12.63 15.35 -4.08
N GLY A 65 -13.16 14.60 -5.02
CA GLY A 65 -13.79 15.23 -6.19
C GLY A 65 -15.12 15.84 -5.89
N VAL A 66 -15.91 15.18 -5.04
CA VAL A 66 -17.30 15.60 -4.79
C VAL A 66 -17.33 16.72 -3.76
N LEU A 67 -16.38 16.74 -2.83
CA LEU A 67 -16.46 17.69 -1.71
C LEU A 67 -15.21 18.54 -1.55
N ALA A 68 -14.04 17.90 -1.45
CA ALA A 68 -12.81 18.65 -1.12
C ALA A 68 -12.48 19.67 -2.21
N ILE A 69 -12.65 19.32 -3.46
CA ILE A 69 -12.25 20.21 -4.57
C ILE A 69 -13.23 21.37 -4.61
N PRO A 70 -14.56 21.13 -4.58
CA PRO A 70 -15.48 22.27 -4.42
C PRO A 70 -15.17 23.13 -3.21
N PHE A 71 -14.85 22.53 -2.06
CA PHE A 71 -14.41 23.30 -0.89
C PHE A 71 -13.18 24.12 -1.21
N ALA A 72 -12.21 23.52 -1.89
CA ALA A 72 -10.96 24.21 -2.22
C ALA A 72 -11.24 25.42 -3.11
N ILE A 73 -12.10 25.25 -4.10
CA ILE A 73 -12.49 26.38 -4.97
C ILE A 73 -13.12 27.47 -4.11
N THR A 74 -14.00 27.10 -3.19
CA THR A 74 -14.72 28.10 -2.38
C THR A 74 -13.75 28.88 -1.51
N ILE A 75 -12.84 28.20 -0.82
CA ILE A 75 -11.94 28.87 0.13
C ILE A 75 -10.92 29.73 -0.60
N SER A 76 -10.69 29.49 -1.89
CA SER A 76 -9.75 30.35 -2.64
C SER A 76 -10.33 31.74 -2.85
N THR A 77 -11.64 31.90 -2.72
CA THR A 77 -12.29 33.21 -2.96
C THR A 77 -12.18 34.13 -1.75
N GLY A 78 -11.90 33.58 -0.57
CA GLY A 78 -11.89 34.38 0.66
C GLY A 78 -13.25 34.91 1.03
N PHE A 79 -14.30 34.20 0.63
CA PHE A 79 -15.69 34.61 0.92
C PHE A 79 -15.93 34.75 2.42
N CYS A 80 -16.90 35.54 2.78
CA CYS A 80 -17.23 35.82 4.19
C CYS A 80 -17.97 34.64 4.81
N ALA A 81 -17.57 34.22 6.00
CA ALA A 81 -18.14 33.00 6.59
C ALA A 81 -17.89 33.00 8.09
N ALA A 82 -18.82 32.41 8.83
CA ALA A 82 -18.55 32.03 10.22
C ALA A 82 -17.29 31.18 10.27
N CYS A 83 -16.41 31.51 11.21
CA CYS A 83 -15.06 30.93 11.22
C CYS A 83 -15.11 29.41 11.35
N HIS A 84 -16.02 28.88 12.13
CA HIS A 84 -16.13 27.43 12.33
C HIS A 84 -16.66 26.75 11.08
N GLY A 85 -17.49 27.44 10.32
CA GLY A 85 -17.90 26.93 9.01
C GLY A 85 -16.75 26.93 8.02
N CYS A 86 -16.03 28.02 7.96
CA CYS A 86 -14.78 28.08 7.18
C CYS A 86 -13.85 26.94 7.56
N LEU A 87 -13.61 26.78 8.86
CA LEU A 87 -12.71 25.71 9.36
C LEU A 87 -13.12 24.38 8.75
N PHE A 88 -14.42 24.07 8.74
CA PHE A 88 -14.85 22.77 8.20
C PHE A 88 -14.52 22.68 6.72
N ILE A 89 -14.73 23.76 5.99
CA ILE A 89 -14.38 23.82 4.55
C ILE A 89 -12.88 23.61 4.38
N ALA A 90 -12.08 24.20 5.25
CA ALA A 90 -10.62 24.19 5.12
C ALA A 90 -10.06 22.81 5.46
N CYS A 91 -10.67 22.13 6.42
CA CYS A 91 -10.05 20.95 7.05
C CYS A 91 -10.61 19.65 6.53
N PHE A 92 -11.76 19.64 5.87
CA PHE A 92 -12.36 18.36 5.45
C PHE A 92 -11.37 17.54 4.63
N VAL A 93 -10.58 18.20 3.79
CA VAL A 93 -9.62 17.48 2.93
C VAL A 93 -8.61 16.73 3.80
N LEU A 94 -8.31 17.27 4.97
CA LEU A 94 -7.36 16.62 5.88
C LEU A 94 -7.92 15.31 6.41
N VAL A 95 -9.22 15.22 6.54
CA VAL A 95 -9.88 13.94 6.93
C VAL A 95 -9.62 12.91 5.84
N LEU A 96 -9.81 13.30 4.59
CA LEU A 96 -9.68 12.37 3.46
C LEU A 96 -8.22 11.95 3.30
N ALA A 97 -7.29 12.88 3.43
CA ALA A 97 -5.86 12.56 3.35
C ALA A 97 -5.47 11.61 4.48
N GLN A 98 -6.02 11.83 5.67
CA GLN A 98 -5.69 10.97 6.81
C GLN A 98 -6.25 9.58 6.58
N SER A 99 -7.49 9.50 6.11
CA SER A 99 -8.09 8.19 5.77
C SER A 99 -7.19 7.46 4.76
N SER A 100 -6.72 8.17 3.76
CA SER A 100 -5.85 7.55 2.73
C SER A 100 -4.59 7.00 3.38
N ILE A 101 -4.03 7.70 4.34
CA ILE A 101 -2.78 7.25 4.99
C ILE A 101 -3.05 5.95 5.77
N PHE A 102 -4.15 5.91 6.51
CA PHE A 102 -4.51 4.68 7.25
C PHE A 102 -4.70 3.52 6.27
N SER A 103 -5.40 3.77 5.17
CA SER A 103 -5.63 2.70 4.16
C SER A 103 -4.30 2.22 3.58
N LEU A 104 -3.42 3.14 3.22
CA LEU A 104 -2.11 2.77 2.68
C LEU A 104 -1.32 1.96 3.70
N LEU A 105 -1.33 2.41 4.95
CA LEU A 105 -0.62 1.67 6.02
C LEU A 105 -1.21 0.28 6.19
N ALA A 106 -2.53 0.16 6.14
CA ALA A 106 -3.20 -1.15 6.31
C ALA A 106 -2.83 -2.09 5.18
N ILE A 107 -2.74 -1.57 3.96
CA ILE A 107 -2.39 -2.42 2.78
C ILE A 107 -0.98 -2.96 2.97
N ALA A 108 -0.06 -2.12 3.39
CA ALA A 108 1.34 -2.53 3.60
C ALA A 108 1.42 -3.64 4.64
N ILE A 109 0.76 -3.44 5.77
CA ILE A 109 0.75 -4.45 6.85
C ILE A 109 0.09 -5.73 6.35
N ASP A 110 -1.00 -5.59 5.60
CA ASP A 110 -1.70 -6.77 5.04
C ASP A 110 -0.71 -7.61 4.22
N ARG A 111 0.00 -6.97 3.31
CA ARG A 111 0.94 -7.70 2.42
C ARG A 111 2.09 -8.26 3.25
N TYR A 112 2.48 -7.58 4.32
CA TYR A 112 3.57 -8.09 5.18
C TYR A 112 3.12 -9.37 5.89
N ILE A 113 1.92 -9.37 6.43
CA ILE A 113 1.38 -10.58 7.10
C ILE A 113 1.27 -11.70 6.09
N ALA A 114 0.87 -11.40 4.87
CA ALA A 114 0.66 -12.43 3.83
C ALA A 114 1.94 -13.16 3.52
N ILE A 115 3.06 -12.44 3.48
CA ILE A 115 4.37 -13.01 3.07
C ILE A 115 5.09 -13.62 4.27
N ALA A 116 4.83 -13.17 5.49
CA ALA A 116 5.59 -13.59 6.67
C ALA A 116 4.94 -14.79 7.37
N ILE A 117 3.62 -14.83 7.40
CA ILE A 117 2.90 -15.93 8.07
C ILE A 117 1.71 -16.31 7.19
N PRO A 118 1.96 -16.78 5.95
CA PRO A 118 0.89 -17.14 5.03
C PRO A 118 -0.09 -18.15 5.61
N LEU A 119 0.44 -19.11 6.36
CA LEU A 119 -0.32 -20.20 7.00
C LEU A 119 -1.40 -19.62 7.92
N ARG A 120 -1.06 -18.50 8.57
CA ARG A 120 -1.96 -17.88 9.55
C ARG A 120 -2.72 -16.71 8.96
N TYR A 121 -2.55 -16.40 7.68
CA TYR A 121 -3.11 -15.15 7.10
C TYR A 121 -4.63 -15.12 7.23
N ASN A 122 -5.33 -16.05 6.58
CA ASN A 122 -6.81 -16.06 6.52
C ASN A 122 -7.41 -16.18 7.91
N GLY A 123 -6.67 -16.70 8.87
CA GLY A 123 -7.15 -16.78 10.24
C GLY A 123 -7.06 -15.47 10.97
N LEU A 124 -6.04 -14.67 10.66
CA LEU A 124 -5.82 -13.35 11.28
C LEU A 124 -6.69 -12.33 10.55
N VAL A 125 -6.52 -12.25 9.23
CA VAL A 125 -7.00 -11.15 8.37
C VAL A 125 -8.26 -11.62 7.69
N THR A 126 -9.41 -11.17 8.16
CA THR A 126 -10.72 -11.56 7.64
C THR A 126 -11.48 -10.32 7.21
N GLY A 127 -12.50 -10.53 6.39
CA GLY A 127 -13.37 -9.43 5.92
C GLY A 127 -14.01 -8.69 7.07
N THR A 128 -14.44 -9.44 8.08
CA THR A 128 -15.16 -8.85 9.24
C THR A 128 -14.22 -7.95 10.02
N ARG A 129 -13.00 -8.41 10.26
CA ARG A 129 -12.01 -7.61 11.03
C ARG A 129 -11.59 -6.41 10.21
N ALA A 130 -11.41 -6.59 8.91
CA ALA A 130 -11.01 -5.48 8.02
C ALA A 130 -12.05 -4.38 8.07
N ALA A 131 -13.32 -4.75 7.94
CA ALA A 131 -14.42 -3.75 7.96
C ALA A 131 -14.37 -2.97 9.27
N GLY A 132 -14.10 -3.64 10.38
CA GLY A 132 -13.99 -2.94 11.66
C GLY A 132 -12.82 -1.99 11.67
N ILE A 133 -11.71 -2.39 11.06
CA ILE A 133 -10.50 -1.53 11.02
C ILE A 133 -10.81 -0.31 10.17
N ILE A 134 -11.53 -0.50 9.08
CA ILE A 134 -11.84 0.64 8.17
C ILE A 134 -12.74 1.64 8.89
N ALA A 135 -13.72 1.16 9.63
CA ALA A 135 -14.62 2.06 10.37
C ALA A 135 -13.82 2.85 11.41
N ILE A 136 -12.95 2.18 12.16
CA ILE A 136 -12.17 2.87 13.21
C ILE A 136 -11.26 3.93 12.56
N CYS A 137 -10.67 3.60 11.44
CA CYS A 137 -9.73 4.54 10.79
C CYS A 137 -10.45 5.76 10.28
N TRP A 138 -11.65 5.60 9.74
CA TRP A 138 -12.45 6.77 9.30
C TRP A 138 -12.79 7.64 10.49
N VAL A 139 -13.19 7.06 11.61
CA VAL A 139 -13.49 7.86 12.82
C VAL A 139 -12.24 8.63 13.26
N LEU A 140 -11.12 7.95 13.35
CA LEU A 140 -9.86 8.60 13.73
C LEU A 140 -9.49 9.67 12.71
N SER A 141 -9.78 9.44 11.43
CA SER A 141 -9.47 10.43 10.39
C SER A 141 -10.28 11.71 10.60
N PHE A 142 -11.53 11.57 11.01
CA PHE A 142 -12.34 12.77 11.33
C PHE A 142 -11.75 13.49 12.53
N ALA A 143 -11.37 12.77 13.57
CA ALA A 143 -10.79 13.39 14.77
C ALA A 143 -9.51 14.13 14.44
N ILE A 144 -8.62 13.49 13.69
CA ILE A 144 -7.30 14.10 13.38
C ILE A 144 -7.52 15.30 12.44
N GLY A 145 -8.30 15.11 11.40
CA GLY A 145 -8.45 16.15 10.38
C GLY A 145 -9.23 17.36 10.85
N LEU A 146 -10.12 17.16 11.80
CA LEU A 146 -10.98 18.27 12.27
C LEU A 146 -10.57 18.70 13.66
N THR A 147 -9.35 18.39 14.08
CA THR A 147 -8.80 18.88 15.38
C THR A 147 -8.87 20.38 15.52
N PRO A 148 -8.59 21.19 14.46
CA PRO A 148 -8.78 22.64 14.57
C PRO A 148 -10.16 23.08 15.06
N MET A 149 -11.18 22.29 14.74
CA MET A 149 -12.57 22.57 15.16
C MET A 149 -12.74 22.44 16.69
N LEU A 150 -11.86 21.71 17.35
CA LEU A 150 -11.95 21.52 18.80
C LEU A 150 -11.29 22.67 19.55
N GLY A 151 -10.73 23.66 18.85
CA GLY A 151 -10.19 24.86 19.52
C GLY A 151 -8.79 25.25 19.09
N TRP A 152 -8.12 24.40 18.33
CA TRP A 152 -6.77 24.68 17.81
C TRP A 152 -6.93 25.42 16.50
N ASN A 153 -7.23 26.70 16.58
CA ASN A 153 -7.57 27.49 15.39
C ASN A 153 -7.27 28.95 15.68
N ASN A 154 -7.38 29.77 14.65
CA ASN A 154 -7.21 31.24 14.78
C ASN A 154 -8.55 31.95 14.73
N CYS A 155 -9.66 31.26 14.94
CA CYS A 155 -10.98 31.90 15.03
C CYS A 155 -11.01 32.95 16.13
N GLY A 156 -10.20 32.75 17.16
CA GLY A 156 -10.12 33.66 18.31
C GLY A 156 -9.42 34.98 18.00
N GLN A 157 -8.62 35.01 16.95
CA GLN A 157 -7.84 36.20 16.59
C GLN A 157 -8.15 36.55 15.15
N PRO A 158 -9.39 36.97 14.84
CA PRO A 158 -9.79 37.15 13.45
C PRO A 158 -9.10 38.36 12.86
N LYS A 159 -8.87 38.38 11.56
CA LYS A 159 -8.27 39.55 10.92
C LYS A 159 -9.38 40.58 10.69
N GLU A 160 -9.39 41.66 11.46
CA GLU A 160 -10.57 42.54 11.44
C GLU A 160 -10.49 43.45 10.22
N GLY A 161 -9.28 43.82 9.82
CA GLY A 161 -9.08 44.64 8.62
C GLY A 161 -9.63 43.99 7.38
N LYS A 162 -9.29 42.73 7.18
CA LYS A 162 -9.74 41.95 6.01
C LYS A 162 -11.25 41.74 6.10
N ALA A 163 -11.76 41.51 7.31
CA ALA A 163 -13.18 41.18 7.51
C ALA A 163 -14.06 42.35 7.06
N HIS A 164 -13.66 43.55 7.43
CA HIS A 164 -14.42 44.79 7.17
C HIS A 164 -14.11 45.29 5.76
N SER A 165 -12.88 45.15 5.29
CA SER A 165 -12.52 45.47 3.89
C SER A 165 -13.41 44.66 2.95
N GLN A 166 -13.64 43.39 3.31
CA GLN A 166 -14.49 42.53 2.46
C GLN A 166 -15.97 42.72 2.76
N GLY A 167 -16.32 43.44 3.81
CA GLY A 167 -17.70 43.69 4.18
C GLY A 167 -18.43 42.54 4.84
N CYS A 168 -17.74 41.58 5.39
CA CYS A 168 -18.36 40.49 6.15
C CYS A 168 -19.18 41.03 7.33
N GLY A 169 -20.24 40.35 7.62
CA GLY A 169 -20.98 40.49 8.88
C GLY A 169 -20.07 40.30 10.07
N GLU A 170 -20.57 40.64 11.23
CA GLU A 170 -19.84 40.39 12.49
C GLU A 170 -20.02 38.94 12.91
N GLY A 171 -18.98 38.41 13.54
CA GLY A 171 -18.83 36.98 13.77
C GLY A 171 -18.24 36.25 12.60
N GLN A 172 -17.96 36.95 11.50
CA GLN A 172 -17.53 36.28 10.26
C GLN A 172 -16.16 36.77 9.87
N VAL A 173 -15.45 35.92 9.13
CA VAL A 173 -14.06 36.21 8.70
C VAL A 173 -13.98 36.09 7.19
N ALA A 174 -12.97 36.67 6.61
CA ALA A 174 -12.57 36.30 5.25
C ALA A 174 -12.06 34.86 5.30
N CYS A 175 -12.77 33.96 4.66
CA CYS A 175 -12.54 32.51 4.79
C CYS A 175 -11.36 32.12 3.93
N LEU A 176 -10.17 32.12 4.54
CA LEU A 176 -8.93 31.72 3.87
C LEU A 176 -8.25 30.64 4.70
N PHE A 177 -7.70 29.65 4.06
CA PHE A 177 -7.04 28.51 4.75
C PHE A 177 -6.03 28.99 5.78
N GLU A 178 -5.06 29.79 5.36
CA GLU A 178 -3.93 30.18 6.22
C GLU A 178 -4.35 31.18 7.29
N ASP A 179 -5.54 31.73 7.22
CA ASP A 179 -6.04 32.64 8.27
C ASP A 179 -6.68 31.88 9.42
N VAL A 180 -7.24 30.71 9.16
CA VAL A 180 -8.12 30.01 10.14
C VAL A 180 -7.44 28.75 10.68
N VAL A 181 -6.66 28.05 9.87
CA VAL A 181 -5.93 26.85 10.33
C VAL A 181 -4.56 27.30 10.80
N PRO A 182 -4.17 27.02 12.06
CA PRO A 182 -2.85 27.41 12.56
C PRO A 182 -1.73 26.63 11.85
N MET A 183 -0.64 27.29 11.55
CA MET A 183 0.47 26.62 10.82
C MET A 183 1.20 25.64 11.76
N ASN A 184 1.20 25.87 13.08
CA ASN A 184 1.82 24.91 14.03
C ASN A 184 1.06 23.59 13.98
N TYR A 185 -0.25 23.64 13.85
CA TYR A 185 -1.06 22.42 13.67
C TYR A 185 -0.66 21.73 12.37
N MET A 186 -0.57 22.50 11.28
CA MET A 186 -0.33 21.89 9.95
C MET A 186 1.04 21.23 9.90
N VAL A 187 2.03 21.83 10.56
CA VAL A 187 3.43 21.36 10.45
C VAL A 187 3.71 20.29 11.48
N TYR A 188 3.54 20.59 12.76
CA TYR A 188 3.91 19.64 13.84
C TYR A 188 2.91 18.51 13.92
N PHE A 189 1.62 18.82 13.92
CA PHE A 189 0.59 17.80 14.18
C PHE A 189 0.24 17.06 12.91
N ASN A 190 -0.22 17.77 11.89
CA ASN A 190 -0.70 17.07 10.68
C ASN A 190 0.49 16.46 9.93
N PHE A 191 1.49 17.26 9.59
CA PHE A 191 2.57 16.79 8.70
C PHE A 191 3.50 15.82 9.45
N PHE A 192 4.23 16.31 10.45
CA PHE A 192 5.25 15.47 11.12
C PHE A 192 4.59 14.25 11.72
N ALA A 193 3.57 14.43 12.56
CA ALA A 193 3.05 13.32 13.38
C ALA A 193 2.12 12.42 12.57
N CYS A 194 1.20 13.00 11.82
CA CYS A 194 0.10 12.20 11.23
C CYS A 194 0.38 11.79 9.79
N VAL A 195 1.34 12.41 9.12
CA VAL A 195 1.62 12.08 7.71
C VAL A 195 3.02 11.47 7.61
N LEU A 196 4.03 12.21 8.03
CA LEU A 196 5.43 11.80 7.82
C LEU A 196 5.71 10.51 8.58
N VAL A 197 5.32 10.44 9.84
CA VAL A 197 5.62 9.25 10.66
C VAL A 197 4.97 8.01 10.06
N PRO A 198 3.67 8.01 9.69
CA PRO A 198 3.10 6.85 9.02
C PRO A 198 3.79 6.51 7.69
N LEU A 199 4.16 7.51 6.90
CA LEU A 199 4.88 7.22 5.65
C LEU A 199 6.21 6.51 5.94
N LEU A 200 6.96 6.96 6.91
CA LEU A 200 8.22 6.26 7.28
C LEU A 200 7.92 4.86 7.79
N LEU A 201 6.84 4.70 8.54
CA LEU A 201 6.43 3.36 8.99
C LEU A 201 6.21 2.44 7.79
N MET A 202 5.50 2.92 6.79
CA MET A 202 5.18 2.12 5.59
C MET A 202 6.47 1.79 4.84
N LEU A 203 7.36 2.74 4.74
CA LEU A 203 8.69 2.48 4.16
C LEU A 203 9.34 1.31 4.88
N GLY A 204 9.28 1.30 6.21
CA GLY A 204 9.87 0.21 6.99
C GLY A 204 9.20 -1.12 6.71
N VAL A 205 7.88 -1.11 6.66
CA VAL A 205 7.10 -2.35 6.42
C VAL A 205 7.45 -2.90 5.04
N TYR A 206 7.44 -2.06 4.02
CA TYR A 206 7.75 -2.49 2.64
C TYR A 206 9.18 -3.00 2.56
N LEU A 207 10.12 -2.33 3.21
CA LEU A 207 11.50 -2.84 3.29
C LEU A 207 11.47 -4.27 3.84
N ARG A 208 10.74 -4.47 4.94
CA ARG A 208 10.69 -5.80 5.57
C ARG A 208 10.00 -6.81 4.65
N ILE A 209 9.07 -6.34 3.82
CA ILE A 209 8.40 -7.24 2.85
C ILE A 209 9.40 -7.73 1.82
N PHE A 210 10.14 -6.84 1.21
CA PHE A 210 11.11 -7.22 0.14
C PHE A 210 12.22 -8.07 0.74
N ALA A 211 12.63 -7.78 1.96
CA ALA A 211 13.67 -8.59 2.63
C ALA A 211 13.14 -10.00 2.89
N ALA A 212 11.92 -10.10 3.41
CA ALA A 212 11.30 -11.41 3.67
C ALA A 212 11.21 -12.22 2.38
N ALA A 213 10.76 -11.60 1.30
CA ALA A 213 10.62 -12.28 0.00
C ALA A 213 11.98 -12.76 -0.48
N ARG A 214 13.00 -11.93 -0.33
CA ARG A 214 14.36 -12.29 -0.79
C ARG A 214 14.88 -13.47 0.02
N ARG A 215 14.69 -13.44 1.33
CA ARG A 215 15.19 -14.53 2.21
C ARG A 215 14.52 -15.85 1.85
N GLN A 216 13.21 -15.85 1.65
CA GLN A 216 12.48 -17.08 1.35
C GLN A 216 12.85 -17.61 -0.02
N LEU A 217 13.12 -16.73 -0.98
CA LEU A 217 13.61 -17.18 -2.30
C LEU A 217 14.96 -17.84 -2.15
N ALA A 218 15.85 -17.23 -1.37
CA ALA A 218 17.18 -17.81 -1.12
C ALA A 218 17.05 -19.18 -0.45
N ASP A 219 16.22 -19.27 0.58
CA ASP A 219 16.00 -20.54 1.29
C ASP A 219 15.55 -21.62 0.32
N LEU A 220 14.62 -21.29 -0.56
CA LEU A 220 14.16 -22.27 -1.55
C LEU A 220 15.32 -22.74 -2.40
N GLU A 221 16.09 -21.81 -2.95
CA GLU A 221 17.24 -22.16 -3.82
C GLU A 221 18.25 -23.00 -3.03
N ASP A 222 18.46 -22.65 -1.77
CA ASP A 222 19.43 -23.39 -0.93
C ASP A 222 19.00 -24.85 -0.79
N ASN A 223 17.75 -25.07 -0.43
CA ASN A 223 17.24 -26.45 -0.27
C ASN A 223 17.41 -27.23 -1.56
N TRP A 224 17.19 -26.60 -2.70
CA TRP A 224 17.27 -27.30 -4.00
C TRP A 224 18.70 -27.68 -4.32
N GLU A 225 19.63 -26.74 -4.16
CA GLU A 225 21.06 -27.01 -4.38
C GLU A 225 21.56 -28.03 -3.36
N THR A 226 21.05 -27.94 -2.13
CA THR A 226 21.51 -28.88 -1.08
C THR A 226 21.07 -30.30 -1.36
N LEU A 227 19.91 -30.46 -1.97
CA LEU A 227 19.37 -31.78 -2.39
C LEU A 227 20.13 -32.27 -3.61
N ASN A 228 20.58 -31.36 -4.46
CA ASN A 228 21.34 -31.77 -5.67
C ASN A 228 22.80 -32.02 -5.34
N ASP A 229 23.41 -31.15 -4.53
CA ASP A 229 24.82 -31.33 -4.14
C ASP A 229 25.03 -32.66 -3.44
N ASN A 230 24.21 -32.99 -2.47
CA ASN A 230 24.34 -34.22 -1.67
C ASN A 230 24.09 -35.46 -2.52
N LEU A 231 23.34 -35.33 -3.59
CA LEU A 231 23.15 -36.44 -4.53
C LEU A 231 24.48 -36.80 -5.18
N LYS A 232 25.14 -35.81 -5.77
CA LYS A 232 26.47 -36.01 -6.39
C LYS A 232 27.43 -36.58 -5.35
N VAL A 233 27.34 -36.09 -4.13
CA VAL A 233 28.21 -36.58 -3.03
C VAL A 233 28.01 -38.07 -2.87
N ILE A 234 26.76 -38.50 -2.84
CA ILE A 234 26.43 -39.94 -2.64
C ILE A 234 26.92 -40.74 -3.84
N GLU A 235 26.85 -40.16 -5.03
CA GLU A 235 27.20 -40.90 -6.27
C GLU A 235 28.70 -41.13 -6.37
N LYS A 236 29.50 -40.34 -5.66
CA LYS A 236 30.97 -40.43 -5.72
C LYS A 236 31.59 -40.88 -4.40
N ALA A 237 30.75 -41.17 -3.42
CA ALA A 237 31.24 -41.63 -2.09
C ALA A 237 31.56 -43.12 -2.18
N ASP A 238 32.69 -43.55 -1.62
CA ASP A 238 33.12 -44.98 -1.66
C ASP A 238 32.96 -45.60 -0.26
N ASN A 239 32.22 -44.94 0.64
CA ASN A 239 32.06 -45.31 2.07
C ASN A 239 30.57 -45.24 2.45
N ALA A 240 30.11 -46.12 3.34
CA ALA A 240 28.69 -46.19 3.79
C ALA A 240 28.38 -45.03 4.75
N ALA A 241 29.36 -44.53 5.50
CA ALA A 241 29.22 -43.39 6.45
C ALA A 241 29.08 -42.08 5.68
N GLN A 242 29.77 -41.99 4.56
CA GLN A 242 29.63 -40.84 3.64
C GLN A 242 28.20 -40.78 3.11
N VAL A 243 27.68 -41.89 2.66
CA VAL A 243 26.30 -41.96 2.13
C VAL A 243 25.32 -41.61 3.26
N LYS A 244 25.58 -42.10 4.45
CA LYS A 244 24.67 -41.85 5.59
C LYS A 244 24.68 -40.37 5.95
N ASP A 245 25.87 -39.80 6.06
CA ASP A 245 26.00 -38.36 6.42
C ASP A 245 25.18 -37.51 5.44
N ALA A 246 25.35 -37.75 4.15
CA ALA A 246 24.68 -36.95 3.11
C ALA A 246 23.18 -37.16 3.18
N LEU A 247 22.74 -38.41 3.24
CA LEU A 247 21.30 -38.71 3.25
C LEU A 247 20.60 -38.11 4.45
N THR A 248 21.28 -38.03 5.60
CA THR A 248 20.69 -37.43 6.82
C THR A 248 20.49 -35.93 6.59
N LYS A 249 21.39 -35.31 5.85
CA LYS A 249 21.30 -33.88 5.54
C LYS A 249 20.27 -33.61 4.45
N MET A 250 19.94 -34.59 3.64
CA MET A 250 18.85 -34.45 2.66
C MET A 250 17.49 -34.59 3.32
N ARG A 251 17.40 -35.45 4.34
CA ARG A 251 16.10 -35.69 5.03
C ARG A 251 15.65 -34.41 5.74
N ALA A 252 16.56 -33.80 6.48
CA ALA A 252 16.34 -32.49 7.13
C ALA A 252 15.89 -31.44 6.11
N ALA A 253 16.66 -31.30 5.05
CA ALA A 253 16.42 -30.35 3.95
C ALA A 253 15.10 -30.63 3.28
N ALA A 254 14.69 -31.87 3.21
CA ALA A 254 13.38 -32.23 2.63
C ALA A 254 12.24 -31.89 3.59
N LEU A 255 12.51 -31.96 4.89
CA LEU A 255 11.45 -31.77 5.90
C LEU A 255 11.19 -30.28 6.12
N ASP A 256 12.22 -29.48 5.87
CA ASP A 256 12.07 -28.01 5.93
C ASP A 256 11.24 -27.53 4.75
N ALA A 257 11.56 -28.11 3.59
CA ALA A 257 10.91 -27.83 2.31
C ALA A 257 9.45 -28.20 2.39
N GLN A 258 9.15 -29.31 3.09
CA GLN A 258 7.76 -29.80 3.23
C GLN A 258 6.91 -28.75 3.93
N LYS A 259 7.40 -28.28 5.05
CA LYS A 259 6.70 -27.21 5.82
C LYS A 259 6.60 -25.97 4.96
N ALA A 260 7.73 -25.47 4.48
CA ALA A 260 7.80 -24.22 3.70
C ALA A 260 6.67 -24.16 2.65
N ASP A 277 -0.64 -33.24 -5.26
CA ASP A 277 0.36 -34.24 -5.75
C ASP A 277 1.73 -33.93 -5.14
N PHE A 278 1.92 -32.67 -4.78
CA PHE A 278 3.16 -32.14 -4.16
C PHE A 278 3.34 -32.71 -2.75
N ARG A 279 2.21 -32.99 -2.10
CA ARG A 279 2.21 -33.56 -0.74
C ARG A 279 2.62 -35.03 -0.80
N HIS A 280 2.33 -35.67 -1.92
CA HIS A 280 2.69 -37.07 -2.20
C HIS A 280 4.17 -37.14 -2.56
N GLY A 281 4.56 -36.22 -3.44
CA GLY A 281 5.94 -36.06 -3.90
C GLY A 281 6.92 -36.00 -2.74
N PHE A 282 6.51 -35.44 -1.63
CA PHE A 282 7.39 -35.30 -0.46
C PHE A 282 7.48 -36.59 0.33
N ASP A 283 6.38 -37.30 0.48
CA ASP A 283 6.32 -38.61 1.13
C ASP A 283 7.16 -39.61 0.38
N ILE A 284 7.11 -39.54 -0.96
CA ILE A 284 7.98 -40.38 -1.81
C ILE A 284 9.44 -40.03 -1.54
N LEU A 285 9.74 -38.74 -1.51
CA LEU A 285 11.15 -38.30 -1.32
C LEU A 285 11.66 -38.77 0.03
N VAL A 286 10.92 -38.48 1.09
CA VAL A 286 11.34 -38.88 2.46
C VAL A 286 11.42 -40.41 2.53
N GLY A 287 10.47 -41.10 1.94
CA GLY A 287 10.50 -42.57 1.96
C GLY A 287 11.72 -43.11 1.26
N GLN A 288 12.01 -42.58 0.07
CA GLN A 288 13.18 -43.06 -0.69
C GLN A 288 14.47 -42.75 0.04
N ILE A 289 14.52 -41.64 0.76
CA ILE A 289 15.70 -41.31 1.58
C ILE A 289 15.80 -42.29 2.74
N ASP A 290 14.68 -42.52 3.41
CA ASP A 290 14.66 -43.49 4.52
C ASP A 290 15.10 -44.88 4.04
N ASP A 291 14.67 -45.27 2.84
CA ASP A 291 15.07 -46.57 2.26
C ASP A 291 16.59 -46.61 2.09
N ALA A 292 17.11 -45.68 1.28
CA ALA A 292 18.56 -45.59 1.03
C ALA A 292 19.34 -45.46 2.33
N LEU A 293 18.70 -44.97 3.39
CA LEU A 293 19.39 -44.73 4.67
C LEU A 293 19.56 -46.03 5.45
N LYS A 294 18.49 -46.81 5.56
CA LYS A 294 18.54 -48.10 6.28
C LYS A 294 19.51 -49.04 5.59
N LEU A 295 19.62 -48.96 4.27
CA LEU A 295 20.60 -49.77 3.53
C LEU A 295 22.01 -49.34 3.95
N ALA A 296 22.26 -48.03 3.96
CA ALA A 296 23.60 -47.51 4.31
C ALA A 296 24.01 -47.96 5.71
N ASN A 297 23.07 -47.92 6.64
CA ASN A 297 23.36 -48.33 8.03
C ASN A 297 23.77 -49.81 8.07
N GLU A 298 23.29 -50.59 7.12
CA GLU A 298 23.58 -52.03 7.06
C GLU A 298 24.85 -52.30 6.26
N GLY A 299 25.55 -51.26 5.85
CA GLY A 299 26.78 -51.41 5.09
C GLY A 299 26.56 -51.59 3.61
N LYS A 300 25.33 -51.55 3.10
CA LYS A 300 25.08 -51.95 1.72
C LYS A 300 25.12 -50.68 0.92
N VAL A 301 26.32 -50.29 0.48
CA VAL A 301 26.63 -48.96 -0.12
C VAL A 301 26.14 -48.87 -1.58
N LYS A 302 26.53 -49.84 -2.39
CA LYS A 302 26.12 -49.86 -3.81
C LYS A 302 24.60 -49.86 -3.93
N GLU A 303 23.95 -50.60 -3.04
CA GLU A 303 22.49 -50.69 -2.90
C GLU A 303 21.90 -49.40 -2.36
N ALA A 304 22.65 -48.74 -1.48
CA ALA A 304 22.27 -47.40 -0.97
C ALA A 304 22.34 -46.38 -2.10
N GLN A 305 23.42 -46.41 -2.85
CA GLN A 305 23.59 -45.50 -3.99
C GLN A 305 22.49 -45.76 -5.02
N ALA A 306 22.21 -47.04 -5.29
CA ALA A 306 21.13 -47.40 -6.23
C ALA A 306 19.80 -46.87 -5.72
N ALA A 307 19.53 -47.04 -4.43
CA ALA A 307 18.28 -46.53 -3.85
C ALA A 307 18.26 -45.01 -3.88
N ALA A 308 19.42 -44.38 -3.72
CA ALA A 308 19.49 -42.90 -3.69
C ALA A 308 19.26 -42.33 -5.09
N GLU A 309 19.63 -43.10 -6.10
CA GLU A 309 19.52 -42.63 -7.50
C GLU A 309 18.07 -42.57 -7.95
N GLN A 310 17.14 -43.24 -7.27
CA GLN A 310 15.74 -43.12 -7.68
C GLN A 310 15.15 -41.77 -7.27
N LEU A 311 15.80 -41.10 -6.30
CA LEU A 311 15.39 -39.74 -5.90
C LEU A 311 15.34 -38.82 -7.12
N LYS A 312 16.16 -39.07 -8.13
CA LYS A 312 16.16 -38.21 -9.34
C LYS A 312 14.79 -38.10 -9.98
N THR A 313 14.06 -39.21 -10.01
CA THR A 313 12.72 -39.32 -10.62
C THR A 313 11.69 -38.55 -9.78
N THR A 314 11.78 -38.72 -8.47
CA THR A 314 10.92 -37.99 -7.53
C THR A 314 11.19 -36.49 -7.65
N ARG A 315 12.46 -36.14 -7.78
CA ARG A 315 12.87 -34.73 -7.96
C ARG A 315 12.31 -34.18 -9.27
N ASN A 316 12.54 -34.89 -10.36
CA ASN A 316 12.12 -34.40 -11.70
C ASN A 316 10.60 -34.30 -11.72
N ALA A 317 9.94 -35.30 -11.23
CA ALA A 317 8.47 -35.47 -11.24
C ALA A 317 7.73 -34.50 -10.32
N TYR A 318 8.22 -34.21 -9.11
CA TYR A 318 7.40 -33.51 -8.08
C TYR A 318 8.09 -32.27 -7.54
N ILE A 319 9.30 -32.44 -7.08
CA ILE A 319 10.07 -31.40 -6.35
C ILE A 319 10.32 -30.18 -7.21
N GLN A 320 10.76 -30.38 -8.45
CA GLN A 320 11.04 -29.29 -9.38
C GLN A 320 9.79 -28.47 -9.66
N LYS A 321 8.63 -29.11 -9.65
CA LYS A 321 7.36 -28.41 -9.87
C LYS A 321 6.96 -27.58 -8.65
N TYR A 322 7.19 -28.11 -7.45
CA TYR A 322 6.87 -27.38 -6.20
C TYR A 322 7.81 -26.20 -6.01
N LEU A 323 9.08 -26.39 -6.31
CA LEU A 323 10.07 -25.29 -6.27
C LEU A 323 9.61 -24.13 -7.16
N GLU A 324 9.06 -24.44 -8.33
CA GLU A 324 8.81 -23.45 -9.42
C GLU A 324 7.48 -22.72 -9.15
N ARG A 325 6.51 -23.42 -8.56
CA ARG A 325 5.19 -22.83 -8.20
C ARG A 325 5.39 -21.87 -7.02
N ALA A 326 6.16 -22.29 -6.00
CA ALA A 326 6.47 -21.50 -4.78
C ALA A 326 7.26 -20.25 -5.17
N ARG A 327 8.21 -20.38 -6.11
CA ARG A 327 9.02 -19.26 -6.68
C ARG A 327 8.08 -18.28 -7.37
N SER A 328 7.12 -18.81 -8.13
CA SER A 328 6.10 -18.05 -8.89
C SER A 328 5.22 -17.24 -7.93
N THR A 329 4.81 -17.84 -6.81
CA THR A 329 3.92 -17.21 -5.80
C THR A 329 4.65 -16.03 -5.14
N LEU A 330 5.90 -16.24 -4.71
CA LEU A 330 6.76 -15.21 -4.08
C LEU A 330 6.94 -14.03 -5.04
N GLN A 331 7.16 -14.33 -6.32
CA GLN A 331 7.42 -13.30 -7.37
C GLN A 331 6.16 -12.47 -7.58
N LYS A 332 4.99 -13.13 -7.61
CA LYS A 332 3.64 -12.50 -7.68
C LYS A 332 3.44 -11.57 -6.49
N GLU A 333 3.91 -11.98 -5.30
CA GLU A 333 3.79 -11.21 -4.04
C GLU A 333 4.72 -10.01 -4.07
N VAL A 334 5.95 -10.18 -4.57
CA VAL A 334 6.92 -9.06 -4.76
C VAL A 334 6.29 -8.04 -5.72
N HIS A 335 5.62 -8.49 -6.79
CA HIS A 335 4.96 -7.61 -7.80
C HIS A 335 3.82 -6.83 -7.13
N ALA A 336 2.88 -7.51 -6.46
CA ALA A 336 1.74 -6.90 -5.76
C ALA A 336 2.24 -5.86 -4.75
N ALA A 337 3.31 -6.17 -4.00
CA ALA A 337 3.86 -5.32 -2.93
C ALA A 337 4.53 -4.09 -3.55
N LYS A 338 5.20 -4.25 -4.69
CA LYS A 338 5.80 -3.12 -5.45
C LYS A 338 4.68 -2.21 -5.95
N SER A 339 3.61 -2.78 -6.49
CA SER A 339 2.41 -2.07 -6.97
C SER A 339 1.85 -1.18 -5.84
N ALA A 340 1.67 -1.75 -4.64
CA ALA A 340 1.17 -1.07 -3.44
C ALA A 340 2.15 0.03 -3.02
N ALA A 341 3.45 -0.23 -3.09
CA ALA A 341 4.54 0.70 -2.68
C ALA A 341 4.55 1.92 -3.59
N ILE A 342 4.32 1.72 -4.89
CA ILE A 342 4.25 2.82 -5.89
C ILE A 342 3.12 3.79 -5.49
N ILE A 343 1.97 3.26 -5.08
CA ILE A 343 0.77 4.04 -4.70
C ILE A 343 1.06 4.85 -3.43
N ALA A 344 1.69 4.23 -2.42
CA ALA A 344 2.18 4.92 -1.21
C ALA A 344 3.19 6.00 -1.61
N GLY A 345 4.14 5.67 -2.50
CA GLY A 345 5.16 6.61 -2.99
C GLY A 345 4.53 7.79 -3.71
N LEU A 346 3.48 7.55 -4.50
CA LEU A 346 2.81 8.59 -5.32
C LEU A 346 2.05 9.55 -4.41
N PHE A 347 1.46 9.05 -3.31
CA PHE A 347 0.82 9.86 -2.27
C PHE A 347 1.83 10.86 -1.70
N ALA A 348 3.02 10.36 -1.37
CA ALA A 348 4.15 11.14 -0.84
C ALA A 348 4.54 12.23 -1.83
N LEU A 349 4.80 11.85 -3.08
CA LEU A 349 5.23 12.81 -4.14
C LEU A 349 4.19 13.93 -4.28
N CYS A 350 2.90 13.58 -4.30
CA CYS A 350 1.80 14.52 -4.61
C CYS A 350 1.52 15.48 -3.43
N TRP A 351 1.77 15.05 -2.19
CA TRP A 351 1.42 15.82 -0.95
C TRP A 351 2.62 16.58 -0.38
N LEU A 352 3.85 16.07 -0.55
CA LEU A 352 5.05 16.67 0.10
C LEU A 352 5.21 18.14 -0.28
N PRO A 353 5.06 18.52 -1.57
CA PRO A 353 5.27 19.91 -1.96
C PRO A 353 4.42 20.87 -1.12
N LEU A 354 3.11 20.64 -1.01
CA LEU A 354 2.19 21.47 -0.19
C LEU A 354 2.67 21.50 1.28
N HIS A 355 3.01 20.34 1.82
CA HIS A 355 3.54 20.20 3.21
C HIS A 355 4.84 20.98 3.38
N ILE A 356 5.71 20.92 2.37
CA ILE A 356 7.06 21.57 2.41
C ILE A 356 6.86 23.09 2.34
N ILE A 357 5.95 23.57 1.50
CA ILE A 357 5.63 25.02 1.40
C ILE A 357 5.15 25.51 2.77
N ASN A 358 4.28 24.76 3.44
CA ASN A 358 3.79 25.07 4.82
C ASN A 358 4.98 25.21 5.78
N CYS A 359 5.92 24.27 5.73
CA CYS A 359 7.16 24.30 6.55
C CYS A 359 7.93 25.61 6.31
N PHE A 360 8.07 26.04 5.06
CA PHE A 360 8.74 27.32 4.71
C PHE A 360 7.97 28.50 5.32
N THR A 361 6.65 28.53 5.17
CA THR A 361 5.76 29.57 5.72
C THR A 361 5.93 29.64 7.24
N PHE A 362 5.92 28.50 7.91
CA PHE A 362 5.96 28.37 9.39
C PHE A 362 7.34 28.75 9.92
N PHE A 363 8.39 28.11 9.41
CA PHE A 363 9.75 28.05 10.01
C PHE A 363 10.60 29.27 9.57
N CYS A 364 10.40 29.76 8.34
CA CYS A 364 11.14 30.93 7.78
C CYS A 364 10.21 32.12 7.59
N PRO A 365 9.82 32.83 8.69
CA PRO A 365 9.02 34.05 8.58
C PRO A 365 9.77 35.25 7.97
N ASP A 366 11.09 35.13 7.76
CA ASP A 366 11.93 36.11 7.05
C ASP A 366 11.92 35.81 5.53
N CYS A 367 11.50 34.61 5.14
CA CYS A 367 11.32 34.21 3.72
C CYS A 367 9.98 34.77 3.21
N SER A 368 9.99 35.35 2.01
CA SER A 368 8.78 35.75 1.25
C SER A 368 7.84 34.55 1.17
N HIS A 369 6.56 34.76 1.38
CA HIS A 369 5.52 33.73 1.18
C HIS A 369 5.62 33.22 -0.26
N ALA A 370 5.66 31.89 -0.44
CA ALA A 370 5.45 31.23 -1.74
C ALA A 370 4.35 31.99 -2.48
N PRO A 371 4.56 32.30 -3.79
CA PRO A 371 3.58 33.07 -4.55
C PRO A 371 2.27 32.30 -4.73
N LEU A 372 1.18 33.00 -5.06
CA LEU A 372 -0.17 32.41 -5.21
C LEU A 372 -0.15 31.29 -6.25
N TRP A 373 0.56 31.46 -7.37
CA TRP A 373 0.55 30.49 -8.49
C TRP A 373 1.17 29.15 -8.06
N LEU A 374 2.18 29.17 -7.17
CA LEU A 374 2.85 27.94 -6.69
C LEU A 374 1.98 27.26 -5.61
N MET A 375 1.32 28.06 -4.77
CA MET A 375 0.29 27.57 -3.82
C MET A 375 -0.77 26.79 -4.60
N TYR A 376 -1.27 27.40 -5.69
CA TYR A 376 -2.28 26.79 -6.58
C TYR A 376 -1.73 25.47 -7.16
N LEU A 377 -0.47 25.46 -7.60
CA LEU A 377 0.16 24.27 -8.22
C LEU A 377 0.29 23.15 -7.17
N ALA A 378 0.73 23.49 -5.96
CA ALA A 378 0.90 22.54 -4.84
C ALA A 378 -0.46 21.92 -4.48
N ILE A 379 -1.50 22.75 -4.37
CA ILE A 379 -2.87 22.31 -4.00
C ILE A 379 -3.39 21.35 -5.09
N VAL A 380 -3.24 21.73 -6.36
CA VAL A 380 -3.74 20.97 -7.54
C VAL A 380 -3.02 19.61 -7.59
N LEU A 381 -1.72 19.60 -7.31
CA LEU A 381 -0.90 18.37 -7.34
C LEU A 381 -1.35 17.43 -6.20
N ALA A 382 -1.61 17.96 -5.01
CA ALA A 382 -2.14 17.16 -3.87
C ALA A 382 -3.47 16.52 -4.30
N HIS A 383 -4.35 17.28 -4.97
CA HIS A 383 -5.67 16.79 -5.47
C HIS A 383 -5.48 15.73 -6.56
N THR A 384 -4.46 15.89 -7.42
CA THR A 384 -4.12 14.98 -8.55
C THR A 384 -3.88 13.56 -8.05
N ASN A 385 -3.44 13.40 -6.80
CA ASN A 385 -3.21 12.08 -6.17
C ASN A 385 -4.49 11.23 -6.23
N SER A 386 -5.65 11.86 -6.17
CA SER A 386 -6.97 11.19 -6.15
C SER A 386 -7.34 10.70 -7.56
N VAL A 387 -6.50 11.00 -8.57
CA VAL A 387 -6.68 10.49 -9.97
C VAL A 387 -5.82 9.24 -10.19
N VAL A 388 -4.62 9.16 -9.58
CA VAL A 388 -3.52 8.29 -10.11
C VAL A 388 -3.77 6.82 -9.75
N ASN A 389 -4.35 6.51 -8.59
CA ASN A 389 -4.50 5.11 -8.09
C ASN A 389 -5.09 4.20 -9.18
N PRO A 390 -6.26 4.53 -9.79
CA PRO A 390 -6.83 3.71 -10.86
C PRO A 390 -5.91 3.31 -12.03
N PHE A 391 -5.02 4.21 -12.46
CA PHE A 391 -4.04 3.96 -13.56
C PHE A 391 -3.02 2.89 -13.14
N ILE A 392 -2.57 2.94 -11.88
CA ILE A 392 -1.55 1.99 -11.34
C ILE A 392 -2.14 0.57 -11.31
N TYR A 393 -3.36 0.42 -10.80
CA TYR A 393 -4.08 -0.89 -10.75
C TYR A 393 -4.23 -1.43 -12.18
N ALA A 394 -4.68 -0.57 -13.09
CA ALA A 394 -4.87 -0.88 -14.54
C ALA A 394 -3.54 -1.37 -15.14
N TYR A 395 -2.44 -0.65 -14.90
CA TYR A 395 -1.12 -0.94 -15.54
C TYR A 395 -0.47 -2.18 -14.89
N ARG A 396 -0.68 -2.40 -13.58
CA ARG A 396 0.17 -3.31 -12.77
C ARG A 396 -0.58 -4.56 -12.28
N ILE A 397 -1.91 -4.61 -12.38
CA ILE A 397 -2.73 -5.75 -11.89
C ILE A 397 -3.72 -6.19 -12.97
N ARG A 398 -3.51 -7.38 -13.56
CA ARG A 398 -4.32 -7.93 -14.69
C ARG A 398 -5.78 -8.09 -14.28
N GLU A 399 -6.04 -8.50 -13.04
CA GLU A 399 -7.39 -8.81 -12.53
C GLU A 399 -8.27 -7.54 -12.61
N PHE A 400 -7.71 -6.37 -12.31
CA PHE A 400 -8.40 -5.05 -12.34
C PHE A 400 -8.54 -4.59 -13.79
N ARG A 401 -7.42 -4.63 -14.52
CA ARG A 401 -7.32 -4.28 -15.96
C ARG A 401 -8.45 -4.98 -16.72
N GLN A 402 -8.58 -6.30 -16.55
CA GLN A 402 -9.58 -7.16 -17.26
C GLN A 402 -11.00 -6.71 -16.91
N THR A 403 -11.26 -6.41 -15.64
CA THR A 403 -12.61 -6.02 -15.16
C THR A 403 -12.94 -4.61 -15.65
N PHE A 404 -11.93 -3.73 -15.73
CA PHE A 404 -12.08 -2.36 -16.29
C PHE A 404 -12.53 -2.49 -17.75
N ARG A 405 -11.82 -3.30 -18.56
CA ARG A 405 -12.16 -3.56 -19.99
C ARG A 405 -13.63 -3.95 -20.08
N LYS A 406 -14.06 -4.93 -19.28
CA LYS A 406 -15.40 -5.57 -19.35
C LYS A 406 -16.49 -4.58 -18.91
N ILE A 407 -16.24 -3.75 -17.89
CA ILE A 407 -17.21 -2.70 -17.43
C ILE A 407 -17.35 -1.63 -18.51
N ILE A 408 -16.25 -1.28 -19.18
CA ILE A 408 -16.21 -0.25 -20.27
C ILE A 408 -16.80 -0.85 -21.55
N ARG A 409 -16.34 -2.05 -21.96
CA ARG A 409 -16.76 -2.74 -23.22
C ARG A 409 -18.28 -3.03 -23.20
N SER A 410 -18.82 -3.47 -22.06
CA SER A 410 -20.25 -3.86 -21.89
C SER A 410 -21.13 -2.65 -21.55
N HIS A 411 -20.57 -1.44 -21.61
CA HIS A 411 -21.30 -0.14 -21.50
C HIS A 411 -21.12 0.71 -22.77
N VAL A 412 -20.00 0.50 -23.49
CA VAL A 412 -19.77 1.01 -24.88
C VAL A 412 -20.54 0.11 -25.86
N LEU A 413 -20.24 -1.20 -25.87
CA LEU A 413 -20.99 -2.24 -26.64
C LEU A 413 -22.17 -2.75 -25.80
C1 TEP B . -4.24 21.17 2.64
N1 TEP B . -3.99 22.60 2.41
C2 TEP B . -4.97 23.27 1.68
O2 TEP B . -5.96 22.69 1.28
N3 TEP B . -4.77 24.62 1.45
C3 TEP B . -5.77 25.38 0.70
C4 TEP B . -3.63 25.23 1.93
C5 TEP B . -2.69 24.53 2.63
C6 TEP B . -2.79 23.14 2.92
O6 TEP B . -1.99 22.44 3.54
N7 TEP B . -1.71 25.45 2.93
C8 TEP B . -2.11 26.62 2.42
N9 TEP B . -3.29 26.54 1.78
C1 OLA C . -17.09 23.39 19.23
O1 OLA C . -16.38 24.42 19.20
O2 OLA C . -18.33 23.41 19.27
C2 OLA C . -16.42 22.04 19.22
C3 OLA C . -17.33 20.85 19.16
C4 OLA C . -16.74 19.62 19.82
C5 OLA C . -17.15 18.31 19.20
C6 OLA C . -16.97 17.10 20.09
C7 OLA C . -15.83 16.16 19.68
C8 OLA C . -15.61 15.02 20.63
C9 OLA C . -15.77 13.67 19.98
C10 OLA C . -14.90 13.09 19.13
C11 OLA C . -15.07 11.75 18.48
C12 OLA C . -13.82 11.19 17.86
C13 OLA C . -12.87 10.49 18.81
C14 OLA C . -12.12 9.33 18.22
C15 OLA C . -11.00 8.81 19.10
C1 OLA D . -18.69 34.27 -2.84
O1 OLA D . -17.67 34.68 -3.42
O2 OLA D . -19.32 34.95 -2.00
C2 OLA D . -19.21 32.88 -3.16
C3 OLA D . -18.25 32.00 -3.90
C4 OLA D . -18.55 30.52 -3.69
C5 OLA D . -17.93 29.60 -4.71
C6 OLA D . -18.70 28.33 -4.94
C7 OLA D . -17.90 27.24 -5.65
C8 OLA D . -18.64 25.97 -5.91
C9 OLA D . -17.80 24.93 -6.58
C10 OLA D . -18.22 23.95 -7.41
C11 OLA D . -19.63 23.65 -7.83
C12 OLA D . -19.89 22.19 -8.08
C1 OLA E . -4.51 -5.24 8.80
O1 OLA E . -5.12 -5.70 7.80
O2 OLA E . -3.79 -5.93 9.54
C2 OLA E . -4.66 -3.76 9.11
C3 OLA E . -3.65 -3.21 10.08
C4 OLA E . -4.14 -1.96 10.81
C5 OLA E . -3.79 -0.66 10.14
C6 OLA E . -4.15 0.57 10.95
C7 OLA E . -4.08 1.87 10.16
C1 OLA F . 9.97 33.15 -5.72
O1 OLA F . 10.50 34.25 -6.02
O2 OLA F . 8.95 33.05 -5.01
C2 OLA F . 10.59 31.87 -6.23
C3 OLA F . 9.63 30.76 -6.55
C4 OLA F . 10.20 29.74 -7.54
C5 OLA F . 9.82 28.30 -7.25
C6 OLA F . 10.63 27.28 -8.03
C7 OLA F . 9.91 25.96 -8.30
C8 OLA F . 8.76 26.05 -9.29
C9 OLA F . 8.48 24.79 -10.03
C10 OLA F . 7.70 24.69 -11.13
C11 OLA F . 7.39 23.43 -11.90
C1 OLA G . -24.92 35.47 -3.50
O1 OLA G . -25.78 36.23 -3.99
O2 OLA G . -24.02 35.87 -2.71
C2 OLA G . -24.95 34.00 -3.87
C3 OLA G . -23.84 33.14 -3.33
C4 OLA G . -23.70 31.83 -4.07
C5 OLA G . -23.49 30.61 -3.19
C6 OLA G . -22.75 29.47 -3.87
C7 OLA G . -23.50 28.15 -3.89
C8 OLA G . -22.94 27.16 -4.87
C9 OLA G . -23.12 25.72 -4.47
C10 OLA G . -23.71 24.76 -5.22
C11 OLA G . -23.87 23.32 -4.80
C12 OLA G . -25.25 22.75 -5.01
C13 OLA G . -25.26 21.31 -5.53
C14 OLA G . -25.99 20.31 -4.66
C15 OLA G . -25.85 18.86 -5.09
C1 OLA H . -25.25 30.33 8.72
O1 OLA H . -24.50 31.33 8.82
O2 OLA H . -26.50 30.40 8.70
C2 OLA H . -24.59 28.97 8.62
C3 OLA H . -25.53 27.82 8.47
C4 OLA H . -25.20 26.95 7.27
C5 OLA H . -24.91 25.52 7.62
C6 OLA H . -26.10 24.63 7.69
C7 OLA H . -26.15 23.57 6.59
C8 OLA H . -25.58 22.24 6.96
C9 OLA H . -26.40 21.08 6.51
C10 OLA H . -25.93 19.84 6.30
C11 OLA H . -26.71 18.64 5.86
C12 OLA H . -25.85 17.46 5.52
C13 OLA H . -26.57 16.12 5.52
C14 OLA H . -26.11 15.16 4.43
C15 OLA H . -26.21 13.71 4.80
C1 OLA I . -15.84 -4.36 3.06
O1 OLA I . -16.97 -4.92 3.08
O2 OLA I . -14.85 -4.77 3.69
C2 OLA I . -15.69 -3.11 2.19
C3 OLA I . -15.44 -1.83 2.97
C4 OLA I . -15.59 -0.58 2.12
C5 OLA I . -15.21 0.70 2.82
C6 OLA I . -15.76 1.97 2.22
C7 OLA I . -16.53 2.86 3.19
C8 OLA I . -16.08 4.30 3.23
C9 OLA I . -17.20 5.26 2.97
C10 OLA I . -17.41 6.47 3.56
C11 OLA I . -16.59 7.12 4.62
C12 OLA I . -17.34 8.15 5.42
C13 OLA I . -17.18 9.58 4.95
C1 OLA J . -17.30 -4.55 -1.75
O1 OLA J . -17.67 -5.74 -1.58
O2 OLA J . -16.31 -4.05 -1.16
C2 OLA J . -18.10 -3.66 -2.69
C3 OLA J . -17.57 -2.27 -2.90
C4 OLA J . -18.60 -1.19 -2.58
C5 OLA J . -18.19 0.21 -2.95
C6 OLA J . -18.29 1.22 -1.81
C7 OLA J . -18.67 2.63 -2.25
C8 OLA J . -17.91 3.71 -1.56
C9 OLA J . -18.67 5.00 -1.48
C10 OLA J . -18.13 6.23 -1.46
C11 OLA J . -18.90 7.52 -1.38
C12 OLA J . -19.29 7.89 0.04
C13 OLA J . -20.59 8.68 0.16
C14 OLA J . -20.77 9.42 1.47
C15 OLA J . -20.67 8.54 2.70
C1 OLA K . -27.47 27.27 12.57
O1 OLA K . -27.97 27.64 11.48
O2 OLA K . -27.14 28.05 13.48
C2 OLA K . -27.26 25.77 12.80
C3 OLA K . -27.07 24.99 11.54
C4 OLA K . -26.56 23.57 11.78
C5 OLA K . -27.53 22.48 11.38
C6 OLA K . -26.88 21.26 10.77
C7 OLA K . -27.25 19.94 11.44
C8 OLA K . -27.67 18.84 10.49
C9 OLA K . -26.98 17.54 10.74
C10 OLA K . -27.42 16.31 10.40
C11 OLA K . -28.70 15.96 9.69
C12 OLA K . -28.51 15.66 8.23
C13 OLA K . -29.50 14.66 7.66
C14 OLA K . -28.94 13.27 7.48
C15 OLA K . -28.72 12.50 8.75
C1 OLA L . 3.14 6.42 -17.80
O1 OLA L . 3.16 5.48 -18.63
O2 OLA L . 3.55 7.57 -18.06
C2 OLA L . 2.65 6.13 -16.39
C3 OLA L . 1.17 6.29 -16.15
C4 OLA L . 0.79 6.31 -14.67
C5 OLA L . 0.88 7.68 -14.00
C6 OLA L . -0.45 8.25 -13.53
C7 OLA L . -1.38 8.74 -14.64
C8 OLA L . -2.25 9.92 -14.27
C9 OLA L . -1.49 11.20 -14.19
C10 OLA L . -1.98 12.44 -14.18
C11 OLA L . -3.44 12.82 -14.24
C12 OLA L . -3.73 14.23 -13.75
C13 OLA L . -4.32 15.16 -14.81
C14 OLA L . -4.71 16.53 -14.29
C15 OLA L . -5.80 17.22 -15.08
C1 OLA M . -2.31 32.11 -11.65
O1 OLA M . -2.91 31.04 -11.40
O2 OLA M . -2.21 33.05 -10.81
C2 OLA M . -1.68 32.29 -13.01
C3 OLA M . -1.66 31.05 -13.86
C4 OLA M . -0.84 29.92 -13.24
C5 OLA M . -1.56 28.59 -13.15
C6 OLA M . -1.78 28.09 -11.75
C7 OLA M . -2.83 26.97 -11.64
C8 OLA M . -2.26 25.58 -11.60
C9 OLA M . -2.14 24.94 -12.95
C10 OLA M . -1.42 23.84 -13.22
C11 OLA M . -1.29 23.20 -14.56
C12 OLA M . -1.88 21.83 -14.63
C13 OLA M . -1.37 20.88 -13.55
C14 OLA M . -1.38 19.42 -13.94
C15 OLA M . -1.05 18.47 -12.80
C16 OLA M . 0.06 18.94 -11.90
C1 OLA N . -21.82 33.96 1.33
O1 OLA N . -21.00 34.54 2.08
O2 OLA N . -22.50 34.54 0.47
C2 OLA N . -21.99 32.47 1.49
C3 OLA N . -21.53 31.67 0.32
C4 OLA N . -21.23 30.23 0.68
C5 OLA N . -20.86 29.35 -0.49
C6 OLA N . -19.83 28.30 -0.18
C7 OLA N . -20.41 26.91 0.08
C8 OLA N . -20.34 25.98 -1.08
C9 OLA N . -19.39 24.85 -0.87
C10 OLA N . -19.36 23.68 -1.52
C11 OLA N . -20.24 23.18 -2.60
C12 OLA N . -20.49 21.70 -2.49
C13 OLA N . -21.15 21.08 -3.69
C14 OLA N . -21.28 19.58 -3.63
C15 OLA N . -22.64 19.08 -3.17
C16 OLA N . -22.68 17.63 -2.75
C17 OLA N . -22.77 16.61 -3.87
C18 OLA N . -23.00 15.20 -3.39
C1 CLR O . -21.33 28.54 4.81
C2 CLR O . -21.01 29.95 5.32
C3 CLR O . -21.43 30.12 6.76
C4 CLR O . -20.80 29.06 7.64
C5 CLR O . -21.01 27.66 7.12
C6 CLR O . -21.45 26.71 7.94
C7 CLR O . -21.50 25.24 7.62
C8 CLR O . -21.02 24.90 6.21
C9 CLR O . -21.30 26.04 5.22
C10 CLR O . -20.69 27.41 5.66
C11 CLR O . -20.94 25.63 3.78
C12 CLR O . -21.58 24.31 3.35
C13 CLR O . -21.25 23.17 4.32
C14 CLR O . -21.70 23.64 5.72
C15 CLR O . -21.66 22.39 6.58
C16 CLR O . -22.04 21.25 5.60
C17 CLR O . -22.09 21.87 4.17
C18 CLR O . -19.75 22.82 4.26
C19 CLR O . -19.16 27.44 5.48
C20 CLR O . -21.73 20.84 3.09
C21 CLR O . -21.78 21.41 1.68
C22 CLR O . -22.62 19.60 3.22
C23 CLR O . -22.44 18.54 2.16
C24 CLR O . -22.59 17.13 2.69
C25 CLR O . -23.39 16.16 1.82
C26 CLR O . -23.15 16.38 0.34
C27 CLR O . -23.11 14.72 2.20
O1 CLR O . -21.04 31.40 7.24
C1 CLR P . 9.30 29.16 -0.33
C2 CLR P . 9.22 30.68 -0.11
C3 CLR P . 10.58 31.29 -0.05
C4 CLR P . 11.38 30.96 -1.30
C5 CLR P . 11.38 29.48 -1.64
C6 CLR P . 12.50 28.86 -1.98
C7 CLR P . 12.60 27.46 -2.50
C8 CLR P . 11.24 26.81 -2.76
C9 CLR P . 10.25 27.23 -1.67
C10 CLR P . 10.03 28.77 -1.63
C11 CLR P . 8.92 26.46 -1.76
C12 CLR P . 9.07 24.94 -1.89
C13 CLR P . 10.01 24.55 -3.04
C14 CLR P . 11.34 25.30 -2.80
C15 CLR P . 12.32 24.64 -3.77
C16 CLR P . 11.83 23.17 -3.86
C17 CLR P . 10.51 23.08 -3.04
C18 CLR P . 9.37 24.89 -4.39
C19 CLR P . 9.23 29.27 -2.84
C20 CLR P . 9.58 21.95 -3.53
C21 CLR P . 8.19 22.02 -2.89
C22 CLR P . 10.21 20.58 -3.26
C23 CLR P . 9.61 19.44 -4.03
C24 CLR P . 10.13 18.09 -3.59
C25 CLR P . 9.19 16.91 -3.84
C26 CLR P . 9.59 16.15 -5.08
C27 CLR P . 9.14 15.98 -2.64
O1 CLR P . 10.45 32.72 0.07
C1 CLR Q . 13.52 25.51 7.75
C2 CLR Q . 13.70 27.02 7.93
C3 CLR Q . 14.80 27.56 7.03
C4 CLR Q . 14.55 27.17 5.58
C5 CLR Q . 14.28 25.69 5.39
C6 CLR Q . 14.92 25.00 4.47
C7 CLR Q . 14.68 23.57 4.14
C8 CLR Q . 13.41 23.03 4.77
C9 CLR Q . 13.26 23.53 6.21
C10 CLR Q . 13.21 25.08 6.30
C11 CLR Q . 12.11 22.85 6.97
C12 CLR Q . 12.07 21.32 6.82
C13 CLR Q . 12.10 20.87 5.35
C14 CLR Q . 13.38 21.50 4.76
C15 CLR Q . 13.61 20.77 3.44
C16 CLR Q . 12.97 19.39 3.64
C17 CLR Q . 12.38 19.36 5.08
C18 CLR Q . 10.83 21.33 4.62
C19 CLR Q . 11.84 25.64 5.87
C20 CLR Q . 11.26 18.31 5.23
C21 CLR Q . 10.60 18.34 6.59
C22 CLR Q . 11.82 16.92 4.93
C23 CLR Q . 10.80 15.78 4.93
C24 CLR Q . 11.03 14.76 3.83
C25 CLR Q . 11.30 13.32 4.29
C26 CLR Q . 11.44 12.40 3.10
C27 CLR Q . 12.52 13.25 5.18
O1 CLR Q . 14.82 28.99 7.16
#